data_7ZU8
#
_entry.id   7ZU8
#
_cell.length_a   86.650
_cell.length_b   93.350
_cell.length_c   48.690
_cell.angle_alpha   90.000
_cell.angle_beta   90.000
_cell.angle_gamma   90.000
#
_symmetry.space_group_name_H-M   'P 21 21 2'
#
loop_
_entity.id
_entity.type
_entity.pdbx_description
1 polymer 'Glutamyl endopeptidase Neprosin'
2 branched 2-acetamido-2-deoxy-beta-D-glucopyranose-(1-4)-[alpha-L-fucopyranose-(1-6)]2-acetamido-2-deoxy-beta-D-glucopyranose
3 branched 2-acetamido-2-deoxy-beta-D-glucopyranose-(1-4)-2-acetamido-2-deoxy-beta-D-glucopyranose
4 non-polymer 12-oxidanyl-9,11$l^{3}-dioxa-1$l^{4},19$l^{4},22,27$l^{4},28$l^{4}-pentaza-10$l^{6}-lutetaoctacyclo[17.5.2.1^{3,7}.1^{10,13}.0^{1,10}.0^{10,19}.0^{10,28}.0^{17,27}]octacosa-3,5,7(28),11,13,15,17(27)-heptaen-8-one
5 non-polymer 'ACETATE ION'
6 water water
#
_entity_poly.entity_id   1
_entity_poly.type   'polypeptide(L)'
_entity_poly.pdbx_seq_one_letter_code
;METDTLLLWVLLLWVPGSTGDLMVRSIQARLANKPKGTIKTIKGDDGEVVDCVDIYKQPAFDHPLLKNHTLQMQPSSYAS
KVGEYNKLEQPWHKNGECPKGSIPIRRQVITGLPVVKKQFPNLKFAPPSANTNHQYAVIAYFYGNASLQGANATINIWEP
NLKNPNGDFSLTQIWISAGSGSSLNTIEAGWQVYPGRTGDSQPRFFIYWTADGYTSTGCYDLTCPGFVQTNNYYAIGMAL
QPSVYGGQQYELNESIQRDPATGNWWLYLWGTVVGYWPASIYNSITNGADTVEWGGEIYDSSGTGGFHTTTQMGSGHFPT
EGYGKASYVRDLQCVDTYGNVISPTANSFQGIAPAPNCYNYQFQQGSSELYLFYGGPGCQAIAHHHHHH
;
_entity_poly.pdbx_strand_id   A
#
# COMPACT_ATOMS: atom_id res chain seq x y z
N ALA A 29 -14.53 -6.56 15.69
CA ALA A 29 -15.58 -6.61 16.72
C ALA A 29 -15.35 -5.53 17.80
N ARG A 30 -14.14 -5.45 18.38
CA ARG A 30 -13.86 -4.44 19.42
C ARG A 30 -12.80 -3.44 18.96
N LEU A 31 -12.82 -2.23 19.52
CA LEU A 31 -11.80 -1.23 19.18
C LEU A 31 -10.58 -1.44 20.06
N ALA A 32 -9.40 -1.18 19.51
CA ALA A 32 -8.17 -1.27 20.28
C ALA A 32 -8.08 -0.10 21.29
N ASN A 33 -7.15 -0.16 22.26
CA ASN A 33 -6.99 0.93 23.22
C ASN A 33 -6.37 2.15 22.51
N LYS A 34 -6.68 3.37 23.01
CA LYS A 34 -6.12 4.57 22.42
C LYS A 34 -4.62 4.61 22.64
N PRO A 35 -3.85 5.04 21.62
CA PRO A 35 -2.40 5.07 21.78
C PRO A 35 -1.92 6.18 22.71
N LYS A 36 -0.66 6.08 23.12
CA LYS A 36 0.00 7.07 23.95
C LYS A 36 0.09 8.39 23.17
N GLY A 37 -0.05 9.49 23.89
CA GLY A 37 0.03 10.81 23.28
C GLY A 37 -1.22 11.23 22.55
N THR A 38 -2.37 10.59 22.85
CA THR A 38 -3.64 10.97 22.23
C THR A 38 -4.15 12.25 22.89
N ILE A 39 -4.19 13.33 22.12
CA ILE A 39 -4.63 14.65 22.53
C ILE A 39 -6.16 14.74 22.49
N LYS A 40 -6.78 14.14 21.47
CA LYS A 40 -8.21 14.21 21.24
C LYS A 40 -8.65 12.99 20.37
N THR A 41 -9.89 12.53 20.52
CA THR A 41 -10.45 11.41 19.78
C THR A 41 -11.73 11.86 19.10
N ILE A 42 -11.78 11.69 17.78
CA ILE A 42 -12.91 12.04 16.94
C ILE A 42 -13.61 10.78 16.45
N LYS A 43 -14.90 10.66 16.75
CA LYS A 43 -15.69 9.53 16.30
C LYS A 43 -16.42 9.89 15.03
N GLY A 44 -16.20 9.13 13.97
CA GLY A 44 -16.90 9.29 12.70
C GLY A 44 -18.33 8.79 12.79
N ASP A 45 -19.19 9.26 11.89
CA ASP A 45 -20.61 8.84 11.88
C ASP A 45 -20.77 7.34 11.57
N ASP A 46 -19.86 6.76 10.80
CA ASP A 46 -19.94 5.35 10.42
C ASP A 46 -19.24 4.38 11.41
N GLY A 47 -18.76 4.87 12.54
CA GLY A 47 -18.09 4.02 13.51
C GLY A 47 -16.57 4.09 13.48
N GLU A 48 -15.99 4.83 12.51
CA GLU A 48 -14.54 5.04 12.45
C GLU A 48 -14.09 5.87 13.65
N VAL A 49 -12.91 5.60 14.19
CA VAL A 49 -12.39 6.38 15.30
C VAL A 49 -11.00 6.92 14.94
N VAL A 50 -10.77 8.19 15.19
CA VAL A 50 -9.49 8.82 14.90
C VAL A 50 -8.89 9.41 16.16
N ASP A 51 -7.64 9.03 16.47
CA ASP A 51 -6.94 9.59 17.59
C ASP A 51 -5.96 10.63 17.09
N CYS A 52 -6.09 11.87 17.56
CA CYS A 52 -5.17 12.97 17.25
C CYS A 52 -4.01 12.81 18.19
N VAL A 53 -2.93 12.21 17.74
CA VAL A 53 -1.78 11.94 18.57
C VAL A 53 -0.73 13.00 18.35
N ASP A 54 -0.13 13.54 19.42
CA ASP A 54 0.98 14.51 19.40
C ASP A 54 2.07 14.00 18.45
N ILE A 55 2.44 14.78 17.41
CA ILE A 55 3.37 14.34 16.38
C ILE A 55 4.71 13.82 16.97
N TYR A 56 5.12 14.32 18.14
CA TYR A 56 6.36 13.86 18.77
C TYR A 56 6.17 12.58 19.62
N LYS A 57 4.93 12.15 19.84
CA LYS A 57 4.64 10.95 20.61
C LYS A 57 4.06 9.82 19.76
N GLN A 58 4.06 9.95 18.42
CA GLN A 58 3.53 8.92 17.54
C GLN A 58 4.38 7.65 17.66
N PRO A 59 3.78 6.47 17.34
CA PRO A 59 4.49 5.21 17.51
C PRO A 59 5.92 5.16 16.97
N ALA A 60 6.22 5.82 15.83
CA ALA A 60 7.55 5.85 15.23
C ALA A 60 8.68 6.15 16.23
N PHE A 61 8.44 7.05 17.21
CA PHE A 61 9.49 7.42 18.16
C PHE A 61 9.72 6.37 19.26
N ASP A 62 8.96 5.27 19.28
CA ASP A 62 9.20 4.15 20.19
C ASP A 62 10.19 3.11 19.57
N HIS A 63 10.66 3.33 18.33
CA HIS A 63 11.57 2.44 17.64
C HIS A 63 12.94 2.58 18.25
N PRO A 64 13.61 1.46 18.59
CA PRO A 64 14.94 1.57 19.21
C PRO A 64 15.95 2.28 18.32
N LEU A 65 15.92 2.03 17.00
CA LEU A 65 16.83 2.69 16.05
C LEU A 65 16.42 4.16 15.75
N LEU A 66 15.31 4.65 16.29
CA LEU A 66 14.88 6.03 16.06
C LEU A 66 15.08 6.86 17.33
N LYS A 67 16.23 6.65 17.98
CA LYS A 67 16.66 7.46 19.13
C LYS A 67 16.93 8.91 18.64
N ASN A 68 17.41 9.05 17.37
CA ASN A 68 17.66 10.28 16.62
C ASN A 68 16.32 10.92 16.26
N HIS A 69 15.61 11.37 17.28
CA HIS A 69 14.27 11.91 17.34
C HIS A 69 14.00 13.09 16.42
N THR A 70 15.01 13.76 15.84
CA THR A 70 14.75 14.94 15.00
C THR A 70 13.75 14.62 13.85
N LEU A 71 12.56 15.19 14.00
CA LEU A 71 11.47 15.02 13.07
C LEU A 71 11.71 15.90 11.87
N GLN A 72 11.83 15.29 10.67
CA GLN A 72 11.98 16.08 9.47
C GLN A 72 10.58 16.59 9.14
N MET A 73 10.33 17.88 9.38
CA MET A 73 9.00 18.44 9.18
C MET A 73 8.60 18.45 7.71
N GLN A 74 9.54 18.79 6.82
CA GLN A 74 9.25 18.85 5.39
C GLN A 74 10.41 18.30 4.58
N PRO A 75 10.13 17.70 3.40
CA PRO A 75 11.23 17.18 2.57
C PRO A 75 12.08 18.32 1.99
N SER A 76 13.42 18.16 2.02
CA SER A 76 14.32 19.20 1.53
C SER A 76 14.18 19.40 0.02
N ASN A 86 -1.30 21.08 3.32
CA ASN A 86 -1.26 19.66 3.05
C ASN A 86 -2.61 18.99 3.34
N LYS A 87 -3.71 19.63 2.94
CA LYS A 87 -5.05 19.11 3.19
C LYS A 87 -5.46 17.97 2.24
N LEU A 88 -5.92 16.85 2.81
CA LEU A 88 -6.51 15.71 2.10
C LEU A 88 -7.85 15.45 2.80
N GLU A 89 -8.98 15.41 2.04
CA GLU A 89 -10.28 15.31 2.70
C GLU A 89 -10.74 13.90 2.92
N GLN A 90 -11.29 13.65 4.09
CA GLN A 90 -11.86 12.37 4.47
C GLN A 90 -13.17 12.65 5.21
N PRO A 91 -14.16 11.75 5.11
CA PRO A 91 -15.47 12.03 5.71
C PRO A 91 -15.49 12.36 7.21
N TRP A 92 -14.54 11.87 8.02
CA TRP A 92 -14.55 12.12 9.46
C TRP A 92 -14.32 13.60 9.81
N HIS A 93 -13.80 14.44 8.87
CA HIS A 93 -13.62 15.88 9.09
C HIS A 93 -14.94 16.60 9.42
N LYS A 94 -16.09 16.03 9.01
CA LYS A 94 -17.38 16.63 9.35
C LYS A 94 -17.59 16.61 10.89
N ASN A 95 -16.93 15.69 11.64
CA ASN A 95 -17.10 15.64 13.09
C ASN A 95 -15.95 16.32 13.88
N GLY A 96 -14.92 16.78 13.20
CA GLY A 96 -13.82 17.48 13.85
C GLY A 96 -12.50 17.35 13.12
N GLU A 97 -11.53 18.11 13.60
CA GLU A 97 -10.21 18.13 13.03
C GLU A 97 -9.17 18.02 14.13
N CYS A 98 -8.01 17.50 13.79
CA CYS A 98 -6.93 17.35 14.74
C CYS A 98 -6.26 18.69 14.95
N PRO A 99 -5.94 19.04 16.21
CA PRO A 99 -5.26 20.33 16.43
C PRO A 99 -3.84 20.32 15.85
N LYS A 100 -3.24 21.52 15.67
CA LYS A 100 -1.87 21.61 15.15
C LYS A 100 -0.90 20.92 16.12
N GLY A 101 0.12 20.28 15.58
CA GLY A 101 1.08 19.57 16.41
C GLY A 101 0.69 18.12 16.66
N SER A 102 -0.40 17.65 16.02
CA SER A 102 -0.86 16.29 16.15
C SER A 102 -1.20 15.69 14.77
N ILE A 103 -1.26 14.36 14.69
CA ILE A 103 -1.60 13.68 13.47
C ILE A 103 -2.78 12.72 13.70
N PRO A 104 -3.67 12.55 12.70
CA PRO A 104 -4.80 11.63 12.87
C PRO A 104 -4.40 10.17 12.66
N ILE A 105 -4.62 9.33 13.67
CA ILE A 105 -4.31 7.90 13.57
C ILE A 105 -5.58 7.09 13.74
N ARG A 106 -5.91 6.27 12.73
CA ARG A 106 -7.10 5.42 12.80
C ARG A 106 -6.98 4.43 13.96
N ARG A 107 -8.05 4.28 14.74
CA ARG A 107 -8.09 3.31 15.82
C ARG A 107 -8.23 1.91 15.19
N GLN A 108 -7.37 0.96 15.60
CA GLN A 108 -7.43 -0.40 15.06
C GLN A 108 -8.69 -1.13 15.51
N VAL A 109 -9.20 -1.99 14.64
CA VAL A 109 -10.33 -2.82 14.94
C VAL A 109 -9.81 -4.23 15.18
N ILE A 110 -10.04 -4.78 16.38
CA ILE A 110 -9.66 -6.12 16.78
C ILE A 110 -10.81 -7.02 16.45
N THR A 111 -10.70 -7.80 15.36
CA THR A 111 -11.79 -8.68 14.93
C THR A 111 -11.78 -10.04 15.64
N GLY A 112 -10.63 -10.44 16.16
CA GLY A 112 -10.47 -11.78 16.74
C GLY A 112 -10.02 -12.80 15.71
N LEU A 113 -9.92 -12.40 14.42
CA LEU A 113 -9.48 -13.21 13.30
C LEU A 113 -7.99 -13.02 13.07
N PRO A 114 -7.28 -14.03 12.53
CA PRO A 114 -5.83 -13.86 12.31
C PRO A 114 -5.51 -12.93 11.15
N VAL A 115 -4.31 -12.34 11.19
CA VAL A 115 -3.77 -11.48 10.14
C VAL A 115 -2.49 -12.17 9.67
N VAL A 116 -2.48 -12.71 8.46
CA VAL A 116 -1.33 -13.48 7.96
C VAL A 116 -0.14 -12.60 7.60
N LYS A 117 1.06 -13.20 7.62
CA LYS A 117 2.33 -12.55 7.31
C LYS A 117 2.34 -11.98 5.90
N LYS A 118 2.85 -10.73 5.73
CA LYS A 118 2.94 -10.17 4.37
C LYS A 118 4.03 -10.91 3.58
N GLN A 119 3.90 -10.94 2.26
CA GLN A 119 4.80 -11.72 1.42
C GLN A 119 5.10 -11.05 0.08
N PHE A 120 6.40 -11.00 -0.28
CA PHE A 120 6.88 -10.38 -1.50
C PHE A 120 6.49 -11.22 -2.72
N PRO A 121 6.14 -10.61 -3.86
CA PRO A 121 5.79 -11.43 -5.05
C PRO A 121 7.03 -12.14 -5.64
N THR A 132 2.34 -19.97 -0.39
CA THR A 132 1.68 -21.07 -1.07
C THR A 132 0.22 -20.64 -1.38
N ASN A 133 -0.46 -19.94 -0.46
CA ASN A 133 -1.84 -19.50 -0.69
C ASN A 133 -1.96 -18.04 -1.15
N HIS A 134 -0.84 -17.40 -1.52
CA HIS A 134 -0.86 -16.07 -2.10
C HIS A 134 -0.83 -16.20 -3.63
N GLN A 135 -1.58 -15.37 -4.35
CA GLN A 135 -1.55 -15.38 -5.81
C GLN A 135 -1.33 -13.94 -6.30
N TYR A 136 -0.68 -13.77 -7.45
CA TYR A 136 -0.31 -12.46 -7.96
C TYR A 136 -0.54 -12.23 -9.42
N ALA A 137 -0.61 -10.96 -9.82
CA ALA A 137 -0.56 -10.55 -11.22
C ALA A 137 0.16 -9.24 -11.12
N VAL A 138 1.48 -9.34 -11.17
CA VAL A 138 2.39 -8.25 -10.88
C VAL A 138 3.44 -8.10 -11.97
N ILE A 139 3.92 -6.86 -12.18
CA ILE A 139 5.04 -6.65 -13.09
C ILE A 139 6.20 -6.16 -12.26
N ALA A 140 7.40 -6.58 -12.61
CA ALA A 140 8.57 -6.24 -11.85
C ALA A 140 9.60 -5.54 -12.74
N TYR A 141 10.21 -4.50 -12.22
CA TYR A 141 11.26 -3.79 -12.92
C TYR A 141 12.52 -3.95 -12.11
N PHE A 142 13.48 -4.74 -12.63
CA PHE A 142 14.73 -5.01 -11.94
C PHE A 142 15.80 -4.08 -12.40
N TYR A 143 16.28 -3.24 -11.50
CA TYR A 143 17.41 -2.37 -11.76
C TYR A 143 18.70 -3.17 -11.49
N GLY A 144 19.83 -2.72 -12.04
CA GLY A 144 21.08 -3.43 -11.86
C GLY A 144 21.77 -3.24 -10.52
N ASN A 145 21.40 -2.19 -9.79
CA ASN A 145 21.97 -1.83 -8.48
C ASN A 145 20.90 -1.12 -7.64
N ALA A 146 21.13 -0.96 -6.34
CA ALA A 146 20.18 -0.35 -5.45
C ALA A 146 20.32 1.19 -5.48
N SER A 147 20.03 1.82 -6.65
CA SER A 147 20.20 3.25 -6.75
C SER A 147 18.97 3.99 -7.27
N LEU A 148 17.79 3.31 -7.43
CA LEU A 148 16.57 4.02 -7.82
C LEU A 148 16.16 4.93 -6.66
N GLN A 149 15.88 6.19 -6.93
CA GLN A 149 15.58 7.19 -5.91
C GLN A 149 14.10 7.47 -5.69
N GLY A 150 13.22 6.68 -6.29
CA GLY A 150 11.79 6.85 -6.14
C GLY A 150 10.99 6.07 -7.16
N ALA A 151 9.68 6.02 -6.96
CA ALA A 151 8.75 5.34 -7.86
C ALA A 151 7.34 5.84 -7.66
N ASN A 152 6.54 5.80 -8.73
CA ASN A 152 5.14 6.23 -8.70
C ASN A 152 4.21 5.09 -9.02
N ALA A 153 2.93 5.22 -8.63
CA ALA A 153 1.88 4.25 -9.00
C ALA A 153 0.56 4.93 -8.90
N THR A 154 -0.26 4.90 -9.96
CA THR A 154 -1.61 5.48 -9.94
C THR A 154 -2.52 4.29 -10.10
N ILE A 155 -3.09 3.86 -9.00
CA ILE A 155 -3.80 2.60 -8.93
C ILE A 155 -5.31 2.79 -8.96
N ASN A 156 -6.00 2.15 -9.92
CA ASN A 156 -7.44 2.14 -10.03
C ASN A 156 -8.00 1.43 -8.77
N ILE A 157 -8.99 2.04 -8.14
CA ILE A 157 -9.55 1.51 -6.92
C ILE A 157 -10.82 0.73 -7.20
N TRP A 158 -10.91 -0.45 -6.60
CA TRP A 158 -12.10 -1.28 -6.69
C TRP A 158 -12.41 -1.90 -5.34
N GLU A 159 -13.57 -2.51 -5.20
CA GLU A 159 -13.88 -3.32 -4.04
C GLU A 159 -14.05 -4.79 -4.49
N PRO A 160 -12.96 -5.54 -4.76
CA PRO A 160 -13.12 -6.95 -5.16
C PRO A 160 -13.83 -7.76 -4.10
N ASN A 161 -14.58 -8.74 -4.53
CA ASN A 161 -15.34 -9.61 -3.64
C ASN A 161 -14.46 -10.72 -3.11
N LEU A 162 -14.69 -11.09 -1.86
CA LEU A 162 -13.95 -12.18 -1.24
C LEU A 162 -14.86 -13.38 -1.04
N LYS A 163 -14.45 -14.55 -1.53
CA LYS A 163 -15.22 -15.78 -1.37
C LYS A 163 -15.29 -16.18 0.12
N ASN A 164 -14.19 -16.00 0.85
CA ASN A 164 -14.10 -16.32 2.28
C ASN A 164 -13.67 -15.05 3.05
N PRO A 165 -14.65 -14.20 3.38
CA PRO A 165 -14.31 -12.90 3.98
C PRO A 165 -13.59 -12.94 5.32
N ASN A 166 -13.77 -14.01 6.12
CA ASN A 166 -13.12 -14.07 7.44
C ASN A 166 -11.61 -14.32 7.38
N GLY A 167 -11.08 -14.73 6.22
CA GLY A 167 -9.65 -15.02 6.11
C GLY A 167 -8.94 -14.48 4.89
N ASP A 168 -9.66 -14.25 3.80
CA ASP A 168 -9.07 -13.79 2.54
C ASP A 168 -8.71 -12.30 2.57
N PHE A 169 -7.97 -11.88 1.56
CA PHE A 169 -7.67 -10.49 1.29
C PHE A 169 -7.43 -10.32 -0.20
N SER A 170 -7.56 -9.10 -0.67
CA SER A 170 -7.26 -8.76 -2.05
C SER A 170 -6.74 -7.37 -2.04
N LEU A 171 -5.60 -7.16 -2.71
CA LEU A 171 -4.96 -5.85 -2.68
C LEU A 171 -4.33 -5.50 -4.02
N THR A 172 -4.02 -4.21 -4.19
CA THR A 172 -3.23 -3.69 -5.29
C THR A 172 -2.25 -2.69 -4.70
N GLN A 173 -0.96 -2.78 -5.06
CA GLN A 173 0.02 -1.89 -4.45
C GLN A 173 1.29 -1.80 -5.29
N ILE A 174 2.25 -0.98 -4.79
CA ILE A 174 3.61 -0.89 -5.26
C ILE A 174 4.49 -1.52 -4.20
N TRP A 175 5.57 -2.14 -4.63
CA TRP A 175 6.61 -2.70 -3.78
C TRP A 175 7.90 -2.07 -4.25
N ILE A 176 8.59 -1.37 -3.37
CA ILE A 176 9.89 -0.78 -3.71
C ILE A 176 10.87 -1.46 -2.79
N SER A 177 11.85 -2.16 -3.33
CA SER A 177 12.72 -2.96 -2.49
C SER A 177 14.20 -2.89 -2.82
N ALA A 178 15.01 -3.42 -1.93
CA ALA A 178 16.43 -3.62 -2.09
C ALA A 178 16.85 -4.81 -1.25
N GLY A 179 17.92 -5.46 -1.65
CA GLY A 179 18.43 -6.62 -0.92
C GLY A 179 17.67 -7.90 -1.21
N SER A 180 18.02 -8.95 -0.48
CA SER A 180 17.44 -10.27 -0.66
C SER A 180 17.37 -11.02 0.67
N GLY A 181 16.46 -11.99 0.76
CA GLY A 181 16.27 -12.84 1.92
C GLY A 181 16.16 -12.10 3.23
N SER A 182 17.02 -12.45 4.19
CA SER A 182 17.00 -11.81 5.51
C SER A 182 17.34 -10.30 5.45
N SER A 183 17.87 -9.83 4.32
CA SER A 183 18.22 -8.42 4.17
C SER A 183 17.26 -7.67 3.27
N LEU A 184 16.16 -8.30 2.77
CA LEU A 184 15.21 -7.62 1.91
C LEU A 184 14.54 -6.50 2.69
N ASN A 185 14.56 -5.27 2.12
CA ASN A 185 13.92 -4.07 2.65
C ASN A 185 12.83 -3.68 1.70
N THR A 186 11.64 -3.32 2.21
CA THR A 186 10.56 -2.91 1.35
C THR A 186 9.93 -1.61 1.84
N ILE A 187 9.36 -0.89 0.90
CA ILE A 187 8.58 0.33 1.03
C ILE A 187 7.31 -0.01 0.24
N GLU A 188 6.14 0.00 0.89
CA GLU A 188 4.91 -0.44 0.21
C GLU A 188 3.74 0.48 0.46
N ALA A 189 2.87 0.63 -0.53
CA ALA A 189 1.68 1.47 -0.44
C ALA A 189 0.67 1.04 -1.50
N GLY A 190 -0.60 1.06 -1.13
CA GLY A 190 -1.66 0.68 -2.06
C GLY A 190 -3.02 0.60 -1.37
N TRP A 191 -3.92 -0.21 -1.92
CA TRP A 191 -5.23 -0.41 -1.30
C TRP A 191 -5.43 -1.89 -0.99
N GLN A 192 -6.27 -2.21 0.01
CA GLN A 192 -6.51 -3.59 0.37
C GLN A 192 -7.90 -3.79 0.95
N VAL A 193 -8.54 -4.91 0.59
CA VAL A 193 -9.78 -5.42 1.14
C VAL A 193 -9.33 -6.59 2.04
N TYR A 194 -9.42 -6.41 3.35
CA TYR A 194 -9.00 -7.45 4.30
C TYR A 194 -9.86 -7.32 5.55
N PRO A 195 -11.08 -7.86 5.54
CA PRO A 195 -11.95 -7.75 6.73
C PRO A 195 -11.33 -8.25 8.05
N GLY A 196 -10.54 -9.31 7.99
CA GLY A 196 -9.90 -9.86 9.18
C GLY A 196 -8.98 -8.87 9.87
N ARG A 197 -8.34 -7.98 9.08
CA ARG A 197 -7.45 -7.00 9.63
C ARG A 197 -8.17 -5.68 9.93
N THR A 198 -8.98 -5.19 8.98
CA THR A 198 -9.56 -3.84 9.06
C THR A 198 -10.94 -3.77 9.69
N GLY A 199 -11.70 -4.86 9.64
CA GLY A 199 -13.05 -4.89 10.21
C GLY A 199 -14.16 -4.89 9.18
N ASP A 200 -13.85 -4.55 7.91
CA ASP A 200 -14.90 -4.53 6.88
C ASP A 200 -14.34 -4.89 5.46
N SER A 201 -15.20 -4.85 4.45
CA SER A 201 -14.84 -5.27 3.10
C SER A 201 -14.58 -4.11 2.15
N GLN A 202 -14.27 -2.91 2.66
CA GLN A 202 -13.98 -1.77 1.80
C GLN A 202 -12.50 -1.71 1.42
N PRO A 203 -12.16 -1.25 0.21
CA PRO A 203 -10.75 -1.05 -0.12
C PRO A 203 -10.21 0.10 0.75
N ARG A 204 -9.14 -0.17 1.50
CA ARG A 204 -8.58 0.82 2.38
C ARG A 204 -7.15 1.11 2.04
N PHE A 205 -6.74 2.37 2.16
CA PHE A 205 -5.36 2.76 1.92
C PHE A 205 -4.47 2.11 2.98
N PHE A 206 -3.37 1.51 2.55
CA PHE A 206 -2.43 0.91 3.47
C PHE A 206 -0.99 1.23 3.07
N ILE A 207 -0.10 1.17 4.07
CA ILE A 207 1.35 1.20 3.89
C ILE A 207 1.92 0.00 4.61
N TYR A 208 3.06 -0.43 4.16
CA TYR A 208 3.76 -1.54 4.76
C TYR A 208 5.27 -1.33 4.55
N TRP A 209 6.08 -1.92 5.40
CA TRP A 209 7.52 -1.92 5.25
C TRP A 209 8.13 -3.12 5.97
N THR A 210 9.29 -3.55 5.54
CA THR A 210 10.09 -4.52 6.28
C THR A 210 11.57 -4.19 6.11
N ALA A 211 12.39 -4.61 7.08
CA ALA A 211 13.83 -4.46 6.98
C ALA A 211 14.56 -5.83 7.00
N ASP A 212 13.82 -6.95 7.13
CA ASP A 212 14.47 -8.26 7.17
C ASP A 212 13.60 -9.32 6.47
N GLY A 213 13.07 -8.95 5.32
CA GLY A 213 12.27 -9.86 4.50
C GLY A 213 11.10 -10.48 5.23
N TYR A 214 10.43 -9.65 6.07
CA TYR A 214 9.23 -9.99 6.84
C TYR A 214 9.46 -10.99 7.97
N THR A 215 10.68 -11.18 8.43
CA THR A 215 10.96 -12.14 9.51
C THR A 215 10.53 -11.61 10.90
N SER A 216 11.02 -10.43 11.30
CA SER A 216 10.69 -9.89 12.61
C SER A 216 10.52 -8.36 12.61
N THR A 217 10.55 -7.72 11.44
CA THR A 217 10.41 -6.26 11.38
C THR A 217 9.32 -5.88 10.39
N GLY A 218 8.67 -4.77 10.66
CA GLY A 218 7.64 -4.28 9.77
C GLY A 218 6.24 -4.52 10.25
N CYS A 219 5.30 -3.82 9.63
CA CYS A 219 3.88 -3.88 10.01
C CYS A 219 3.06 -3.05 9.06
N TYR A 220 1.74 -3.17 9.15
CA TYR A 220 0.84 -2.32 8.39
C TYR A 220 0.70 -0.94 9.05
N ASP A 221 0.57 0.11 8.24
CA ASP A 221 0.23 1.46 8.64
C ASP A 221 1.05 1.93 9.88
N LEU A 222 0.41 2.50 10.92
CA LEU A 222 1.12 2.94 12.11
C LEU A 222 0.88 1.99 13.28
N THR A 223 0.69 0.70 13.01
CA THR A 223 0.48 -0.30 14.06
C THR A 223 1.78 -0.67 14.79
N CYS A 224 2.94 -0.28 14.27
CA CYS A 224 4.22 -0.52 14.96
C CYS A 224 5.14 0.68 14.68
N PRO A 225 6.20 0.85 15.49
CA PRO A 225 7.14 1.94 15.22
C PRO A 225 7.83 1.70 13.88
N GLY A 226 7.82 2.70 13.03
CA GLY A 226 8.43 2.62 11.71
C GLY A 226 8.22 3.88 10.91
N PHE A 227 7.10 3.96 10.18
CA PHE A 227 6.73 5.13 9.37
C PHE A 227 6.43 6.35 10.25
N VAL A 228 6.93 7.53 9.84
CA VAL A 228 6.76 8.78 10.56
C VAL A 228 5.74 9.61 9.81
N GLN A 229 4.55 9.81 10.39
CA GLN A 229 3.52 10.62 9.75
C GLN A 229 3.67 12.08 10.12
N THR A 230 3.58 12.93 9.12
CA THR A 230 3.76 14.36 9.20
C THR A 230 2.42 15.11 8.87
N ASN A 231 1.49 14.47 8.15
CA ASN A 231 0.23 15.09 7.76
C ASN A 231 -0.81 15.15 8.90
N ASN A 232 -1.33 16.37 9.14
CA ASN A 232 -2.31 16.71 10.18
C ASN A 232 -3.76 16.37 9.81
N TYR A 233 -4.04 16.08 8.53
CA TYR A 233 -5.41 15.89 8.03
C TYR A 233 -5.76 14.48 7.57
N TYR A 234 -4.80 13.75 7.00
CA TYR A 234 -5.08 12.46 6.38
C TYR A 234 -4.77 11.26 7.28
N ALA A 235 -5.79 10.50 7.67
CA ALA A 235 -5.58 9.30 8.48
C ALA A 235 -5.37 8.09 7.57
N ILE A 236 -4.26 7.36 7.76
CA ILE A 236 -3.95 6.15 7.00
C ILE A 236 -4.87 5.01 7.46
N GLY A 237 -5.32 4.19 6.53
CA GLY A 237 -6.15 3.04 6.87
C GLY A 237 -7.64 3.25 6.66
N MET A 238 -8.03 4.40 6.11
CA MET A 238 -9.45 4.68 5.85
C MET A 238 -9.90 4.14 4.49
N ALA A 239 -11.21 4.07 4.30
CA ALA A 239 -11.80 3.62 3.06
C ALA A 239 -11.50 4.55 1.89
N LEU A 240 -11.41 3.97 0.73
CA LEU A 240 -11.24 4.65 -0.54
C LEU A 240 -12.50 4.46 -1.36
N GLN A 241 -12.79 5.40 -2.28
CA GLN A 241 -13.98 5.27 -3.12
C GLN A 241 -13.74 4.26 -4.24
N PRO A 242 -14.53 3.16 -4.29
CA PRO A 242 -14.32 2.19 -5.36
C PRO A 242 -14.98 2.64 -6.67
N SER A 243 -14.35 2.27 -7.76
CA SER A 243 -14.85 2.54 -9.12
C SER A 243 -16.12 1.74 -9.38
N VAL A 244 -16.90 2.20 -10.37
CA VAL A 244 -18.14 1.53 -10.78
C VAL A 244 -17.91 0.80 -12.12
N TYR A 245 -18.35 -0.45 -12.23
CA TYR A 245 -18.22 -1.22 -13.46
C TYR A 245 -18.96 -0.55 -14.61
N GLY A 246 -18.23 -0.15 -15.64
CA GLY A 246 -18.81 0.57 -16.78
C GLY A 246 -19.09 2.03 -16.49
N GLY A 247 -18.67 2.53 -15.32
CA GLY A 247 -18.92 3.91 -14.93
C GLY A 247 -17.70 4.61 -14.38
N GLN A 248 -17.92 5.47 -13.40
CA GLN A 248 -16.91 6.32 -12.78
C GLN A 248 -15.70 5.55 -12.26
N GLN A 249 -14.50 6.01 -12.62
CA GLN A 249 -13.25 5.41 -12.21
C GLN A 249 -12.52 6.28 -11.17
N TYR A 250 -12.06 5.66 -10.09
CA TYR A 250 -11.34 6.37 -9.03
C TYR A 250 -9.91 5.85 -8.98
N GLU A 251 -8.94 6.72 -8.69
CA GLU A 251 -7.54 6.34 -8.64
C GLU A 251 -6.89 6.77 -7.33
N LEU A 252 -5.87 6.02 -6.92
CA LEU A 252 -5.04 6.29 -5.78
C LEU A 252 -3.67 6.63 -6.33
N ASN A 253 -3.34 7.92 -6.39
CA ASN A 253 -2.04 8.33 -6.88
C ASN A 253 -1.05 8.38 -5.73
N GLU A 254 0.02 7.60 -5.82
CA GLU A 254 1.04 7.62 -4.77
C GLU A 254 2.42 7.79 -5.41
N SER A 255 3.24 8.62 -4.79
CA SER A 255 4.60 8.89 -5.25
C SER A 255 5.54 8.75 -4.06
N ILE A 256 6.56 7.92 -4.20
CA ILE A 256 7.52 7.70 -3.12
C ILE A 256 8.87 8.22 -3.59
N GLN A 257 9.49 9.12 -2.81
CA GLN A 257 10.73 9.75 -3.22
C GLN A 257 11.75 9.80 -2.09
N ARG A 258 12.97 9.33 -2.38
CA ARG A 258 14.05 9.37 -1.40
C ARG A 258 14.67 10.77 -1.36
N ASP A 259 14.76 11.37 -0.17
CA ASP A 259 15.38 12.66 0.02
C ASP A 259 16.88 12.43 -0.04
N PRO A 260 17.59 13.09 -0.98
CA PRO A 260 19.02 12.81 -1.12
C PRO A 260 19.88 13.31 0.04
N ALA A 261 19.38 14.29 0.82
CA ALA A 261 20.14 14.81 1.95
C ALA A 261 20.04 13.92 3.16
N THR A 262 18.91 13.23 3.38
CA THR A 262 18.72 12.45 4.59
C THR A 262 18.56 10.94 4.40
N GLY A 263 18.14 10.51 3.21
CA GLY A 263 17.88 9.11 2.96
C GLY A 263 16.46 8.70 3.31
N ASN A 264 15.67 9.59 3.90
CA ASN A 264 14.29 9.34 4.25
C ASN A 264 13.44 9.19 2.99
N TRP A 265 12.56 8.22 2.99
CA TRP A 265 11.70 7.96 1.85
C TRP A 265 10.37 8.60 2.09
N TRP A 266 10.05 9.68 1.38
CA TRP A 266 8.81 10.40 1.57
C TRP A 266 7.66 9.84 0.73
N LEU A 267 6.45 9.84 1.32
CA LEU A 267 5.21 9.42 0.69
C LEU A 267 4.37 10.63 0.33
N TYR A 268 3.92 10.70 -0.92
CA TYR A 268 2.99 11.71 -1.44
C TYR A 268 1.75 11.03 -1.97
N LEU A 269 0.57 11.48 -1.55
CA LEU A 269 -0.70 10.99 -2.08
C LEU A 269 -1.33 12.12 -2.83
N TRP A 270 -1.58 11.95 -4.15
CA TRP A 270 -2.13 13.01 -5.02
C TRP A 270 -1.29 14.31 -4.92
N GLY A 271 0.01 14.17 -4.76
CA GLY A 271 0.96 15.28 -4.65
C GLY A 271 1.11 15.92 -3.28
N THR A 272 0.45 15.35 -2.27
CA THR A 272 0.49 15.92 -0.93
C THR A 272 1.29 15.02 0.01
N VAL A 273 2.21 15.61 0.79
CA VAL A 273 3.03 14.87 1.74
C VAL A 273 2.20 14.21 2.83
N VAL A 274 2.47 12.93 3.12
CA VAL A 274 1.83 12.22 4.20
C VAL A 274 2.84 12.00 5.35
N GLY A 275 4.05 11.61 4.99
CA GLY A 275 5.15 11.38 5.92
C GLY A 275 6.28 10.63 5.25
N TYR A 276 7.15 9.99 6.05
CA TYR A 276 8.26 9.26 5.48
C TYR A 276 8.59 7.99 6.22
N TRP A 277 9.25 7.04 5.51
CA TRP A 277 9.89 5.88 6.11
C TRP A 277 11.34 6.32 6.39
N PRO A 278 11.76 6.41 7.66
CA PRO A 278 13.13 6.85 7.96
C PRO A 278 14.20 5.91 7.42
N ALA A 279 15.33 6.48 7.02
CA ALA A 279 16.47 5.69 6.56
C ALA A 279 16.99 4.79 7.68
N SER A 280 16.94 5.26 8.95
CA SER A 280 17.42 4.58 10.17
C SER A 280 16.73 3.24 10.47
N ILE A 281 15.56 3.00 9.90
CA ILE A 281 14.88 1.71 10.12
C ILE A 281 15.37 0.65 9.07
N TYR A 282 16.16 1.06 8.07
CA TYR A 282 16.58 0.20 6.98
C TYR A 282 18.09 -0.07 6.93
N ASN A 283 18.52 -0.95 6.01
CA ASN A 283 19.94 -1.19 5.80
C ASN A 283 20.24 -1.27 4.31
N SER A 284 19.62 -2.19 3.58
CA SER A 284 19.92 -2.39 2.17
C SER A 284 19.33 -1.30 1.26
N ILE A 285 18.20 -0.66 1.65
CA ILE A 285 17.60 0.36 0.80
C ILE A 285 17.94 1.82 1.19
N THR A 286 18.89 2.06 2.11
CA THR A 286 19.19 3.43 2.56
C THR A 286 19.72 4.36 1.45
N ASN A 287 20.35 3.81 0.42
CA ASN A 287 20.90 4.62 -0.69
C ASN A 287 20.05 4.60 -1.97
N GLY A 288 18.99 3.82 -1.97
CA GLY A 288 18.14 3.65 -3.13
C GLY A 288 17.61 2.24 -3.24
N ALA A 289 16.74 1.99 -4.21
CA ALA A 289 16.12 0.68 -4.39
C ALA A 289 16.61 -0.02 -5.64
N ASP A 290 16.63 -1.35 -5.63
CA ASP A 290 17.06 -2.10 -6.80
C ASP A 290 15.85 -2.71 -7.56
N THR A 291 14.65 -2.72 -6.96
CA THR A 291 13.50 -3.35 -7.60
C THR A 291 12.23 -2.60 -7.31
N VAL A 292 11.35 -2.50 -8.31
CA VAL A 292 10.04 -1.90 -8.14
C VAL A 292 9.05 -2.86 -8.78
N GLU A 293 7.95 -3.16 -8.08
CA GLU A 293 6.91 -4.04 -8.58
C GLU A 293 5.54 -3.40 -8.41
N TRP A 294 4.63 -3.65 -9.37
CA TRP A 294 3.27 -3.10 -9.34
C TRP A 294 2.27 -4.17 -9.60
N GLY A 295 1.09 -4.06 -9.00
CA GLY A 295 0.02 -4.98 -9.33
C GLY A 295 -0.78 -5.56 -8.21
N GLY A 296 -1.51 -6.63 -8.52
CA GLY A 296 -2.45 -7.21 -7.57
C GLY A 296 -2.01 -8.45 -6.86
N GLU A 297 -2.69 -8.75 -5.74
CA GLU A 297 -2.37 -9.93 -4.94
C GLU A 297 -3.58 -10.38 -4.19
N ILE A 298 -3.76 -11.69 -4.05
CA ILE A 298 -4.87 -12.20 -3.26
C ILE A 298 -4.34 -13.23 -2.27
N TYR A 299 -5.06 -13.41 -1.17
CA TYR A 299 -4.72 -14.43 -0.20
C TYR A 299 -5.91 -15.35 -0.10
N ASP A 300 -5.70 -16.61 -0.39
CA ASP A 300 -6.73 -17.62 -0.41
C ASP A 300 -6.68 -18.46 0.86
N SER A 301 -7.50 -18.11 1.85
CA SER A 301 -7.57 -18.86 3.10
C SER A 301 -8.23 -20.25 2.93
N SER A 302 -8.84 -20.55 1.76
CA SER A 302 -9.43 -21.87 1.54
C SER A 302 -8.38 -22.96 1.27
N GLY A 303 -7.12 -22.58 1.04
CA GLY A 303 -6.06 -23.56 0.83
C GLY A 303 -5.98 -24.21 -0.54
N THR A 304 -6.49 -23.54 -1.59
CA THR A 304 -6.34 -24.09 -2.96
C THR A 304 -5.14 -23.47 -3.70
N GLY A 305 -4.31 -22.72 -2.99
CA GLY A 305 -3.15 -22.03 -3.54
C GLY A 305 -3.48 -20.85 -4.42
N GLY A 306 -4.72 -20.36 -4.35
CA GLY A 306 -5.21 -19.31 -5.22
C GLY A 306 -5.57 -19.82 -6.61
N PHE A 307 -5.59 -21.16 -6.82
CA PHE A 307 -5.93 -21.76 -8.10
C PHE A 307 -7.42 -22.11 -8.23
N HIS A 308 -8.13 -22.24 -7.11
CA HIS A 308 -9.53 -22.61 -7.16
C HIS A 308 -10.40 -21.82 -6.20
N THR A 309 -10.26 -20.49 -6.25
CA THR A 309 -11.13 -19.63 -5.45
C THR A 309 -11.65 -18.49 -6.30
N THR A 310 -12.92 -18.12 -6.10
CA THR A 310 -13.49 -17.00 -6.82
C THR A 310 -13.30 -15.65 -6.04
N THR A 311 -12.26 -15.57 -5.18
CA THR A 311 -11.86 -14.31 -4.54
C THR A 311 -11.26 -13.47 -5.68
N GLN A 312 -11.69 -12.23 -5.79
CA GLN A 312 -11.35 -11.40 -6.92
C GLN A 312 -10.10 -10.57 -6.79
N MET A 313 -9.47 -10.33 -7.93
CA MET A 313 -8.28 -9.49 -7.98
C MET A 313 -8.62 -8.30 -8.88
N GLY A 314 -8.19 -7.12 -8.49
CA GLY A 314 -8.51 -5.90 -9.22
C GLY A 314 -10.00 -5.64 -9.09
N SER A 315 -10.69 -5.56 -10.23
CA SER A 315 -12.14 -5.42 -10.25
C SER A 315 -12.88 -6.78 -10.19
N GLY A 316 -12.16 -7.90 -10.36
CA GLY A 316 -12.80 -9.21 -10.46
C GLY A 316 -13.05 -9.62 -11.90
N HIS A 317 -12.54 -8.81 -12.83
CA HIS A 317 -12.67 -9.00 -14.25
C HIS A 317 -11.28 -8.99 -14.83
N PHE A 318 -11.06 -9.88 -15.79
CA PHE A 318 -9.78 -10.02 -16.45
C PHE A 318 -9.38 -8.77 -17.20
N PRO A 319 -8.07 -8.52 -17.34
CA PRO A 319 -7.60 -7.32 -18.04
C PRO A 319 -8.10 -7.11 -19.46
N THR A 320 -8.49 -8.16 -20.23
CA THR A 320 -8.96 -7.97 -21.60
C THR A 320 -10.32 -7.22 -21.66
N GLU A 321 -11.06 -7.12 -20.53
CA GLU A 321 -12.31 -6.34 -20.50
C GLU A 321 -12.02 -4.81 -20.64
N GLY A 322 -10.80 -4.37 -20.31
CA GLY A 322 -10.36 -3.01 -20.53
C GLY A 322 -10.85 -1.93 -19.60
N TYR A 323 -10.59 -0.68 -20.01
CA TYR A 323 -10.89 0.51 -19.22
C TYR A 323 -12.35 0.56 -18.81
N GLY A 324 -12.58 0.80 -17.53
CA GLY A 324 -13.90 0.86 -16.95
C GLY A 324 -14.41 -0.47 -16.42
N LYS A 325 -13.73 -1.59 -16.76
CA LYS A 325 -14.23 -2.92 -16.39
C LYS A 325 -13.18 -3.70 -15.65
N ALA A 326 -11.94 -3.65 -16.15
CA ALA A 326 -10.79 -4.26 -15.51
C ALA A 326 -9.98 -3.19 -14.80
N SER A 327 -9.35 -3.53 -13.67
CA SER A 327 -8.53 -2.59 -12.92
C SER A 327 -7.15 -2.39 -13.56
N TYR A 328 -6.57 -1.20 -13.35
CA TYR A 328 -5.28 -0.91 -13.92
C TYR A 328 -4.36 -0.17 -12.94
N VAL A 329 -3.10 -0.09 -13.32
CA VAL A 329 -2.08 0.71 -12.67
C VAL A 329 -1.43 1.52 -13.80
N ARG A 330 -1.36 2.83 -13.64
CA ARG A 330 -0.67 3.67 -14.62
C ARG A 330 0.40 4.51 -13.86
N ASP A 331 1.08 5.44 -14.54
CA ASP A 331 2.18 6.23 -13.98
C ASP A 331 3.29 5.26 -13.48
N LEU A 332 3.57 4.22 -14.30
CA LEU A 332 4.58 3.20 -14.03
C LEU A 332 5.96 3.81 -14.26
N GLN A 333 6.42 4.59 -13.27
CA GLN A 333 7.65 5.31 -13.39
C GLN A 333 8.53 5.16 -12.15
N CYS A 334 9.83 5.32 -12.36
CA CYS A 334 10.77 5.36 -11.26
CA CYS A 334 10.86 5.28 -11.32
C CYS A 334 11.78 6.49 -11.50
N VAL A 335 12.62 6.79 -10.51
CA VAL A 335 13.60 7.88 -10.59
C VAL A 335 14.97 7.26 -10.53
N ASP A 336 15.88 7.60 -11.46
CA ASP A 336 17.22 7.02 -11.41
C ASP A 336 18.13 7.81 -10.46
N THR A 337 19.38 7.38 -10.33
CA THR A 337 20.43 7.95 -9.50
C THR A 337 20.65 9.44 -9.78
N TYR A 338 20.42 9.88 -11.02
CA TYR A 338 20.69 11.27 -11.38
C TYR A 338 19.43 12.16 -11.39
N GLY A 339 18.33 11.67 -10.82
CA GLY A 339 17.08 12.42 -10.73
C GLY A 339 16.19 12.39 -11.96
N ASN A 340 16.55 11.61 -12.99
CA ASN A 340 15.73 11.52 -14.20
C ASN A 340 14.55 10.56 -14.01
N VAL A 341 13.34 10.96 -14.44
CA VAL A 341 12.18 10.09 -14.35
C VAL A 341 12.22 9.13 -15.51
N ILE A 342 12.16 7.82 -15.24
CA ILE A 342 12.20 6.84 -16.31
C ILE A 342 10.89 6.08 -16.38
N SER A 343 10.41 5.88 -17.60
CA SER A 343 9.15 5.18 -17.82
C SER A 343 9.46 3.94 -18.62
N PRO A 344 9.67 2.80 -17.94
CA PRO A 344 10.05 1.58 -18.65
C PRO A 344 8.99 1.12 -19.63
N THR A 345 9.44 0.61 -20.79
CA THR A 345 8.56 0.04 -21.80
C THR A 345 8.00 -1.30 -21.30
N ALA A 346 6.91 -1.79 -21.92
CA ALA A 346 6.26 -3.06 -21.57
C ALA A 346 7.23 -4.25 -21.60
N ASN A 347 8.17 -4.27 -22.54
CA ASN A 347 9.15 -5.35 -22.66
C ASN A 347 10.24 -5.29 -21.56
N SER A 348 10.39 -4.13 -20.88
CA SER A 348 11.37 -3.96 -19.79
C SER A 348 10.93 -4.60 -18.46
N PHE A 349 9.66 -5.02 -18.36
CA PHE A 349 9.15 -5.63 -17.14
C PHE A 349 9.11 -7.14 -17.19
N GLN A 350 9.20 -7.78 -16.03
CA GLN A 350 9.02 -9.21 -15.94
C GLN A 350 7.66 -9.48 -15.28
N GLY A 351 6.83 -10.30 -15.91
CA GLY A 351 5.52 -10.61 -15.38
C GLY A 351 5.55 -11.72 -14.34
N ILE A 352 4.71 -11.62 -13.32
CA ILE A 352 4.58 -12.61 -12.24
C ILE A 352 3.12 -12.93 -12.13
N ALA A 353 2.67 -13.99 -12.79
CA ALA A 353 1.26 -14.37 -12.75
C ALA A 353 1.19 -15.89 -12.72
N PRO A 354 1.36 -16.49 -11.51
CA PRO A 354 1.45 -17.96 -11.44
C PRO A 354 0.14 -18.70 -11.67
N ALA A 355 -1.02 -18.03 -11.66
CA ALA A 355 -2.29 -18.69 -11.99
C ALA A 355 -2.98 -17.90 -13.11
N PRO A 356 -2.42 -17.90 -14.34
CA PRO A 356 -2.97 -17.05 -15.41
C PRO A 356 -4.43 -17.32 -15.78
N ASN A 357 -4.94 -18.54 -15.55
CA ASN A 357 -6.35 -18.83 -15.81
C ASN A 357 -7.29 -18.20 -14.77
N CYS A 358 -6.76 -17.70 -13.63
CA CYS A 358 -7.57 -17.16 -12.55
C CYS A 358 -7.39 -15.64 -12.45
N TYR A 359 -6.13 -15.19 -12.52
CA TYR A 359 -5.69 -13.81 -12.41
C TYR A 359 -4.53 -13.61 -13.36
N ASN A 360 -4.55 -12.54 -14.15
CA ASN A 360 -3.42 -12.29 -15.05
C ASN A 360 -3.31 -10.77 -15.35
N TYR A 361 -2.47 -10.40 -16.31
CA TYR A 361 -2.21 -9.00 -16.60
C TYR A 361 -2.08 -8.79 -18.09
N GLN A 362 -2.20 -7.54 -18.52
CA GLN A 362 -2.05 -7.20 -19.93
C GLN A 362 -1.70 -5.74 -20.04
N PHE A 363 -0.72 -5.43 -20.86
CA PHE A 363 -0.31 -4.05 -21.07
C PHE A 363 -1.15 -3.42 -22.16
N GLN A 364 -1.43 -2.13 -22.00
CA GLN A 364 -2.15 -1.39 -23.02
C GLN A 364 -1.46 -0.07 -23.18
N GLN A 365 -1.03 0.27 -24.41
CA GLN A 365 -0.39 1.56 -24.64
C GLN A 365 -1.45 2.66 -24.72
N GLY A 366 -1.48 3.55 -23.74
CA GLY A 366 -2.38 4.70 -23.80
C GLY A 366 -1.84 5.77 -24.74
N SER A 367 -2.56 6.89 -24.89
CA SER A 367 -2.13 7.99 -25.74
C SER A 367 -0.95 8.78 -25.12
N SER A 368 -0.80 8.74 -23.78
CA SER A 368 0.27 9.49 -23.11
C SER A 368 1.21 8.61 -22.30
N GLU A 369 0.75 7.41 -21.90
CA GLU A 369 1.59 6.53 -21.08
C GLU A 369 1.12 5.06 -21.10
N LEU A 370 1.92 4.18 -20.53
CA LEU A 370 1.63 2.75 -20.48
C LEU A 370 0.66 2.41 -19.35
N TYR A 371 -0.31 1.53 -19.65
CA TYR A 371 -1.26 1.03 -18.67
C TYR A 371 -1.03 -0.43 -18.39
N LEU A 372 -1.12 -0.82 -17.12
CA LEU A 372 -1.08 -2.23 -16.79
C LEU A 372 -2.45 -2.62 -16.32
N PHE A 373 -3.20 -3.39 -17.11
CA PHE A 373 -4.48 -3.92 -16.65
C PHE A 373 -4.16 -5.25 -15.95
N TYR A 374 -4.82 -5.55 -14.83
CA TYR A 374 -4.47 -6.77 -14.08
C TYR A 374 -5.70 -7.27 -13.32
N GLY A 375 -5.64 -8.51 -12.83
CA GLY A 375 -6.70 -9.05 -12.01
C GLY A 375 -7.50 -10.17 -12.64
N GLY A 376 -8.66 -10.42 -12.06
CA GLY A 376 -9.53 -11.46 -12.57
C GLY A 376 -10.51 -11.99 -11.54
N PRO A 377 -11.41 -12.85 -11.99
CA PRO A 377 -12.40 -13.40 -11.07
C PRO A 377 -11.97 -14.62 -10.25
N GLY A 378 -10.76 -15.09 -10.47
CA GLY A 378 -10.34 -16.35 -9.88
C GLY A 378 -10.90 -17.52 -10.68
N CYS A 379 -10.67 -18.74 -10.21
CA CYS A 379 -11.15 -19.94 -10.85
C CYS A 379 -12.20 -20.59 -9.96
N GLN A 380 -13.25 -21.10 -10.58
CA GLN A 380 -14.36 -21.73 -9.87
C GLN A 380 -13.88 -23.01 -9.15
N ALA A 381 -14.30 -23.19 -7.89
CA ALA A 381 -13.92 -24.38 -7.13
C ALA A 381 -14.59 -25.62 -7.68
N ILE A 382 -13.91 -26.77 -7.61
CA ILE A 382 -14.47 -28.02 -8.11
C ILE A 382 -15.42 -28.60 -7.07
N ALA A 383 -16.56 -29.18 -7.52
CA ALA A 383 -17.56 -29.77 -6.65
C ALA A 383 -17.49 -31.30 -6.71
#